data_6ADZ
#
_entry.id   6ADZ
#
_cell.length_a   67.877
_cell.length_b   67.877
_cell.length_c   208.381
_cell.angle_alpha   90.00
_cell.angle_beta   90.00
_cell.angle_gamma   120.00
#
_symmetry.space_group_name_H-M   'P 65 2 2'
#
loop_
_entity.id
_entity.type
_entity.pdbx_description
1 polymer 'Coronin-like protein'
2 non-polymer 'SULFATE ION'
3 water water
#
_entity_poly.entity_id   1
_entity_poly.type   'polypeptide(L)'
_entity_poly.pdbx_seq_one_letter_code
;MDMTQQEIFDKQRRLQELSEKVRTCHQEASALRKAAQEKEAEMLQVLEDIQTI
;
_entity_poly.pdbx_strand_id   A,C,B,D
#
loop_
_chem_comp.id
_chem_comp.type
_chem_comp.name
_chem_comp.formula
SO4 non-polymer 'SULFATE ION' 'O4 S -2'
#
# COMPACT_ATOMS: atom_id res chain seq x y z
N GLN A 6 28.72 33.38 0.98
CA GLN A 6 27.27 33.57 1.17
C GLN A 6 26.51 32.40 0.54
N GLU A 7 26.67 31.20 1.11
CA GLU A 7 26.03 29.99 0.57
C GLU A 7 24.57 29.88 1.05
N ILE A 8 24.15 30.72 1.98
CA ILE A 8 22.79 30.59 2.55
C ILE A 8 21.73 30.72 1.46
N PHE A 9 21.92 31.63 0.51
CA PHE A 9 20.86 31.78 -0.53
C PHE A 9 20.67 30.47 -1.27
N ASP A 10 21.75 29.80 -1.65
CA ASP A 10 21.58 28.52 -2.38
C ASP A 10 20.99 27.46 -1.43
N LYS A 11 21.49 27.40 -0.20
CA LYS A 11 21.00 26.40 0.75
C LYS A 11 19.52 26.65 1.00
N GLN A 12 19.11 27.89 1.18
CA GLN A 12 17.68 28.17 1.46
C GLN A 12 16.83 27.76 0.25
N ARG A 13 17.33 28.00 -0.96
CA ARG A 13 16.58 27.61 -2.17
C ARG A 13 16.47 26.08 -2.16
N ARG A 14 17.55 25.40 -1.83
CA ARG A 14 17.50 23.93 -1.81
C ARG A 14 16.50 23.48 -0.75
N LEU A 15 16.49 24.10 0.42
CA LEU A 15 15.58 23.72 1.50
C LEU A 15 14.13 23.85 1.07
N GLN A 16 13.81 24.97 0.43
CA GLN A 16 12.45 25.19 -0.08
C GLN A 16 12.06 24.14 -1.13
N GLU A 17 12.95 23.94 -2.11
CA GLU A 17 12.69 23.00 -3.20
C GLU A 17 12.49 21.58 -2.69
N LEU A 18 13.37 21.14 -1.81
CA LEU A 18 13.31 19.81 -1.23
C LEU A 18 12.07 19.64 -0.36
N SER A 19 11.70 20.69 0.36
CA SER A 19 10.48 20.67 1.16
C SER A 19 9.28 20.43 0.25
N GLU A 20 9.22 21.18 -0.85
CA GLU A 20 8.17 21.01 -1.84
C GLU A 20 8.17 19.59 -2.39
N LYS A 21 9.36 19.04 -2.59
CA LYS A 21 9.51 17.69 -3.12
C LYS A 21 8.98 16.64 -2.15
N VAL A 22 9.18 16.88 -0.85
CA VAL A 22 8.65 16.00 0.19
C VAL A 22 7.13 16.10 0.17
N ARG A 23 6.62 17.32 0.04
CA ARG A 23 5.18 17.55 0.00
C ARG A 23 4.52 16.83 -1.18
N THR A 24 5.18 16.84 -2.33
CA THR A 24 4.65 16.17 -3.52
C THR A 24 4.75 14.65 -3.40
N CYS A 25 5.88 14.17 -2.87
CA CYS A 25 6.07 12.74 -2.65
C CYS A 25 5.05 12.19 -1.66
N HIS A 26 4.60 13.03 -0.74
CA HIS A 26 3.57 12.63 0.22
C HIS A 26 2.23 12.43 -0.48
N GLN A 27 1.87 13.40 -1.31
CA GLN A 27 0.62 13.34 -2.07
C GLN A 27 0.61 12.15 -3.02
N GLU A 28 1.74 11.92 -3.70
CA GLU A 28 1.85 10.84 -4.66
C GLU A 28 1.77 9.48 -3.98
N ALA A 29 2.44 9.36 -2.84
CA ALA A 29 2.42 8.13 -2.06
C ALA A 29 1.01 7.81 -1.57
N SER A 30 0.32 8.84 -1.09
CA SER A 30 -1.04 8.68 -0.59
C SER A 30 -1.98 8.18 -1.68
N ALA A 31 -1.90 8.79 -2.85
CA ALA A 31 -2.73 8.41 -3.98
C ALA A 31 -2.43 6.99 -4.43
N LEU A 32 -1.16 6.60 -4.42
CA LEU A 32 -0.77 5.25 -4.79
C LEU A 32 -1.29 4.24 -3.77
N ARG A 33 -1.20 4.59 -2.49
CA ARG A 33 -1.72 3.73 -1.42
C ARG A 33 -3.24 3.60 -1.55
N LYS A 34 -3.90 4.70 -1.87
CA LYS A 34 -5.34 4.71 -2.05
C LYS A 34 -5.75 3.88 -3.26
N ALA A 35 -4.93 3.91 -4.31
CA ALA A 35 -5.18 3.13 -5.50
C ALA A 35 -5.01 1.65 -5.24
N ALA A 36 -4.03 1.32 -4.39
CA ALA A 36 -3.78 -0.06 -4.00
C ALA A 36 -4.96 -0.63 -3.22
N GLN A 37 -5.54 0.18 -2.35
CA GLN A 37 -6.66 -0.24 -1.53
C GLN A 37 -7.89 -0.54 -2.38
N GLU A 38 -8.12 0.31 -3.38
CA GLU A 38 -9.24 0.12 -4.30
C GLU A 38 -9.12 -1.18 -5.08
N LYS A 39 -7.90 -1.49 -5.51
CA LYS A 39 -7.65 -2.73 -6.26
C LYS A 39 -7.84 -3.95 -5.39
N GLU A 40 -7.39 -3.87 -4.14
CA GLU A 40 -7.57 -4.96 -3.20
C GLU A 40 -9.05 -5.18 -2.94
N ALA A 41 -9.78 -4.08 -2.76
CA ALA A 41 -11.23 -4.13 -2.58
C ALA A 41 -11.90 -4.73 -3.81
N GLU A 42 -11.39 -4.36 -4.98
CA GLU A 42 -11.91 -4.89 -6.23
C GLU A 42 -11.67 -6.39 -6.32
N MET A 43 -10.45 -6.80 -5.98
CA MET A 43 -10.09 -8.21 -5.95
C MET A 43 -10.99 -9.01 -5.01
N LEU A 44 -11.24 -8.46 -3.82
CA LEU A 44 -12.05 -9.13 -2.83
C LEU A 44 -13.49 -9.31 -3.31
N GLN A 45 -14.00 -8.32 -4.04
CA GLN A 45 -15.35 -8.37 -4.57
C GLN A 45 -15.50 -9.52 -5.58
N VAL A 46 -14.45 -9.78 -6.34
CA VAL A 46 -14.46 -10.86 -7.31
C VAL A 46 -14.39 -12.21 -6.59
N LEU A 47 -13.62 -12.27 -5.51
CA LEU A 47 -13.51 -13.47 -4.69
C LEU A 47 -14.85 -13.82 -4.07
N GLU A 48 -15.66 -12.81 -3.80
CA GLU A 48 -17.01 -13.01 -3.27
C GLU A 48 -17.90 -13.67 -4.32
N ASP A 49 -17.64 -13.34 -5.57
CA ASP A 49 -18.41 -13.91 -6.68
C ASP A 49 -18.10 -15.39 -6.85
N ILE A 50 -16.86 -15.77 -6.54
CA ILE A 50 -16.46 -17.21 -6.61
C ILE A 50 -17.23 -18.02 -5.58
N GLN A 51 -17.52 -17.44 -4.41
CA GLN A 51 -18.34 -18.09 -3.35
C GLN A 51 -19.74 -18.34 -3.87
N THR A 52 -20.28 -17.44 -4.71
CA THR A 52 -21.60 -17.54 -5.37
C THR A 52 -21.65 -18.60 -6.48
N ILE A 53 -20.48 -19.14 -6.89
CA ILE A 53 -20.20 -20.22 -7.87
C ILE A 53 -20.15 -19.67 -9.29
N GLN B 5 15.06 30.79 18.44
CA GLN B 5 15.26 30.67 19.90
C GLN B 5 15.42 29.19 20.26
N GLN B 6 15.23 28.84 21.54
CA GLN B 6 15.29 27.42 21.97
C GLN B 6 14.13 26.66 21.34
N GLU B 7 12.97 27.30 21.23
CA GLU B 7 11.77 26.63 20.69
C GLU B 7 12.06 26.15 19.26
N ILE B 8 12.72 26.99 18.45
CA ILE B 8 13.02 26.60 17.06
C ILE B 8 13.91 25.35 17.09
N PHE B 9 14.90 25.30 17.98
CA PHE B 9 15.74 24.08 18.06
C PHE B 9 14.83 22.92 18.49
N ASP B 10 13.93 23.19 19.42
CA ASP B 10 13.01 22.16 19.93
C ASP B 10 12.08 21.72 18.80
N LYS B 11 11.64 22.64 17.95
CA LYS B 11 10.80 22.27 16.79
C LYS B 11 11.60 21.35 15.87
N GLN B 12 12.89 21.62 15.67
CA GLN B 12 13.73 20.74 14.83
C GLN B 12 13.79 19.35 15.46
N ARG B 13 13.94 19.27 16.79
CA ARG B 13 14.00 17.93 17.43
C ARG B 13 12.65 17.22 17.23
N ARG B 14 11.56 17.97 17.35
CA ARG B 14 10.22 17.37 17.17
C ARG B 14 10.09 16.87 15.73
N LEU B 15 10.62 17.63 14.78
CA LEU B 15 10.61 17.26 13.37
C LEU B 15 11.35 15.95 13.15
N GLN B 16 12.49 15.81 13.84
CA GLN B 16 13.25 14.57 13.76
C GLN B 16 12.44 13.39 14.27
N GLU B 17 11.80 13.57 15.43
CA GLU B 17 11.00 12.46 15.98
C GLU B 17 9.82 12.11 15.06
N LEU B 18 9.25 13.13 14.43
CA LEU B 18 8.14 12.92 13.49
C LEU B 18 8.61 12.12 12.28
N SER B 19 9.77 12.50 11.75
CA SER B 19 10.37 11.79 10.62
C SER B 19 10.62 10.33 10.97
N GLU B 20 11.13 10.09 12.18
CA GLU B 20 11.35 8.72 12.64
C GLU B 20 10.04 7.94 12.71
N LYS B 21 8.99 8.60 13.18
CA LYS B 21 7.66 7.98 13.22
C LYS B 21 7.22 7.58 11.82
N VAL B 22 7.40 8.48 10.86
CA VAL B 22 7.06 8.22 9.47
C VAL B 22 7.85 7.02 8.93
N ARG B 23 9.12 6.95 9.30
CA ARG B 23 9.99 5.84 8.91
C ARG B 23 9.42 4.52 9.43
N THR B 24 8.98 4.54 10.69
CA THR B 24 8.35 3.38 11.31
C THR B 24 7.11 2.94 10.51
N CYS B 25 6.26 3.92 10.19
CA CYS B 25 5.08 3.66 9.37
C CYS B 25 5.46 2.99 8.05
N HIS B 26 6.53 3.49 7.43
CA HIS B 26 6.99 2.94 6.16
C HIS B 26 7.44 1.48 6.30
N GLN B 27 8.20 1.20 7.36
CA GLN B 27 8.67 -0.17 7.59
C GLN B 27 7.53 -1.14 7.83
N GLU B 28 6.58 -0.74 8.67
CA GLU B 28 5.41 -1.56 8.95
C GLU B 28 4.59 -1.80 7.70
N ALA B 29 4.44 -0.75 6.89
CA ALA B 29 3.73 -0.86 5.61
C ALA B 29 4.44 -1.83 4.68
N SER B 30 5.78 -1.81 4.71
CA SER B 30 6.57 -2.73 3.91
C SER B 30 6.30 -4.16 4.32
N ALA B 31 6.29 -4.39 5.64
CA ALA B 31 5.96 -5.72 6.18
C ALA B 31 4.59 -6.18 5.72
N LEU B 32 3.59 -5.29 5.82
CA LEU B 32 2.23 -5.63 5.41
C LEU B 32 2.12 -5.90 3.90
N ARG B 33 2.92 -5.19 3.11
CA ARG B 33 2.91 -5.37 1.66
C ARG B 33 3.53 -6.70 1.27
N LYS B 34 4.62 -7.06 1.93
CA LYS B 34 5.27 -8.34 1.68
C LYS B 34 4.35 -9.49 2.11
N ALA B 35 3.71 -9.32 3.26
CA ALA B 35 2.76 -10.32 3.76
C ALA B 35 1.58 -10.48 2.79
N ALA B 36 1.09 -9.35 2.28
CA ALA B 36 -0.02 -9.37 1.34
C ALA B 36 0.38 -10.07 0.04
N GLN B 37 1.63 -9.83 -0.38
CA GLN B 37 2.16 -10.47 -1.56
C GLN B 37 2.23 -11.98 -1.37
N GLU B 38 2.69 -12.41 -0.19
CA GLU B 38 2.76 -13.83 0.11
C GLU B 38 1.38 -14.47 0.17
N LYS B 39 0.47 -13.85 0.92
CA LYS B 39 -0.87 -14.41 1.13
C LYS B 39 -1.66 -14.51 -0.17
N GLU B 40 -1.57 -13.50 -1.02
CA GLU B 40 -2.31 -13.48 -2.28
C GLU B 40 -1.73 -14.47 -3.28
N ALA B 41 -0.44 -14.74 -3.17
CA ALA B 41 0.25 -15.65 -4.08
C ALA B 41 -0.23 -17.09 -3.90
N GLU B 42 -0.53 -17.44 -2.65
CA GLU B 42 -0.94 -18.81 -2.34
C GLU B 42 -2.36 -19.09 -2.82
N MET B 43 -3.25 -18.14 -2.61
CA MET B 43 -4.64 -18.31 -3.02
C MET B 43 -4.78 -18.20 -4.55
N LEU B 44 -3.87 -17.46 -5.17
CA LEU B 44 -3.85 -17.36 -6.63
C LEU B 44 -3.43 -18.69 -7.23
N GLN B 45 -2.61 -19.43 -6.49
CA GLN B 45 -2.19 -20.76 -6.90
C GLN B 45 -3.36 -21.73 -6.81
N VAL B 46 -4.19 -21.53 -5.79
CA VAL B 46 -5.38 -22.36 -5.60
C VAL B 46 -6.36 -22.16 -6.76
N LEU B 47 -6.44 -20.93 -7.25
CA LEU B 47 -7.29 -20.60 -8.39
C LEU B 47 -6.74 -21.23 -9.67
N GLU B 48 -5.42 -21.24 -9.80
CA GLU B 48 -4.77 -21.86 -10.94
C GLU B 48 -4.87 -23.38 -10.84
N ASP B 49 -5.01 -23.87 -9.61
CA ASP B 49 -5.17 -25.29 -9.35
C ASP B 49 -6.61 -25.73 -9.67
N ILE B 50 -7.55 -24.84 -9.40
CA ILE B 50 -8.98 -25.02 -9.83
C ILE B 50 -8.97 -25.24 -11.35
N GLN B 51 -8.12 -24.50 -12.08
CA GLN B 51 -8.00 -24.85 -13.52
C GLN B 51 -7.39 -26.27 -13.58
N THR B 52 -7.89 -27.14 -14.44
CA THR B 52 -7.40 -28.51 -14.44
C THR B 52 -7.98 -29.27 -13.27
N MET C 3 -26.96 -30.60 -10.71
CA MET C 3 -25.90 -31.60 -10.46
C MET C 3 -25.58 -32.34 -11.76
N THR C 4 -25.21 -31.61 -12.81
CA THR C 4 -24.92 -32.25 -14.12
C THR C 4 -23.64 -31.70 -14.73
N GLN C 5 -23.14 -32.40 -15.74
CA GLN C 5 -21.90 -32.02 -16.46
C GLN C 5 -22.09 -30.64 -17.10
N GLN C 6 -23.28 -30.36 -17.63
CA GLN C 6 -23.51 -29.04 -18.24
C GLN C 6 -23.29 -27.98 -17.16
N GLU C 7 -23.93 -28.18 -16.02
CA GLU C 7 -23.80 -27.28 -14.88
C GLU C 7 -22.33 -27.32 -14.44
N ILE C 8 -21.73 -28.50 -14.45
CA ILE C 8 -20.31 -28.56 -14.04
C ILE C 8 -19.49 -27.75 -15.04
N PHE C 9 -19.71 -27.96 -16.33
CA PHE C 9 -18.91 -27.22 -17.33
C PHE C 9 -19.15 -25.72 -17.20
N ASP C 10 -20.39 -25.33 -16.96
CA ASP C 10 -20.67 -23.89 -16.81
C ASP C 10 -19.92 -23.35 -15.60
N LYS C 11 -20.09 -24.02 -14.47
CA LYS C 11 -19.47 -23.53 -13.21
C LYS C 11 -17.98 -23.40 -13.43
N GLN C 12 -17.37 -24.39 -14.07
CA GLN C 12 -15.92 -24.35 -14.30
C GLN C 12 -15.58 -23.17 -15.21
N ARG C 13 -16.40 -22.96 -16.24
CA ARG C 13 -16.15 -21.84 -17.17
C ARG C 13 -16.16 -20.53 -16.39
N ARG C 14 -17.12 -20.37 -15.49
CA ARG C 14 -17.19 -19.12 -14.70
C ARG C 14 -15.96 -19.03 -13.79
N LEU C 15 -15.62 -20.13 -13.14
CA LEU C 15 -14.45 -20.05 -12.24
C LEU C 15 -13.26 -19.56 -13.04
N GLN C 16 -13.04 -20.12 -14.22
CA GLN C 16 -11.85 -19.69 -14.98
C GLN C 16 -11.96 -18.19 -15.28
N GLU C 17 -13.14 -17.70 -15.68
CA GLU C 17 -13.24 -16.25 -15.99
C GLU C 17 -12.95 -15.40 -14.76
N LEU C 18 -13.53 -15.77 -13.61
CA LEU C 18 -13.33 -15.05 -12.36
C LEU C 18 -11.90 -15.19 -11.85
N SER C 19 -11.30 -16.36 -12.05
CA SER C 19 -9.92 -16.61 -11.65
C SER C 19 -8.98 -15.67 -12.41
N GLU C 20 -9.22 -15.54 -13.71
CA GLU C 20 -8.45 -14.60 -14.52
C GLU C 20 -8.57 -13.18 -13.96
N LYS C 21 -9.80 -12.77 -13.67
CA LYS C 21 -10.04 -11.45 -13.08
C LYS C 21 -9.23 -11.24 -11.79
N VAL C 22 -9.27 -12.25 -10.92
CA VAL C 22 -8.54 -12.21 -9.65
C VAL C 22 -7.04 -12.07 -9.87
N ARG C 23 -6.51 -12.83 -10.84
CA ARG C 23 -5.09 -12.76 -11.16
C ARG C 23 -4.71 -11.35 -11.61
N THR C 24 -5.50 -10.78 -12.52
CA THR C 24 -5.28 -9.41 -12.98
C THR C 24 -5.24 -8.43 -11.82
N CYS C 25 -6.24 -8.53 -10.94
CA CYS C 25 -6.31 -7.68 -9.77
C CYS C 25 -5.07 -7.84 -8.89
N HIS C 26 -4.58 -9.07 -8.79
CA HIS C 26 -3.36 -9.35 -8.02
C HIS C 26 -2.17 -8.62 -8.60
N GLN C 27 -1.98 -8.74 -9.91
CA GLN C 27 -0.89 -8.06 -10.59
C GLN C 27 -0.94 -6.55 -10.34
N GLU C 28 -2.11 -5.96 -10.59
CA GLU C 28 -2.28 -4.52 -10.46
C GLU C 28 -2.04 -4.05 -9.02
N ALA C 29 -2.65 -4.74 -8.07
CA ALA C 29 -2.50 -4.40 -6.65
C ALA C 29 -1.05 -4.49 -6.20
N SER C 30 -0.36 -5.56 -6.60
CA SER C 30 1.03 -5.75 -6.24
C SER C 30 1.90 -4.62 -6.79
N ALA C 31 1.67 -4.29 -8.06
CA ALA C 31 2.40 -3.19 -8.70
C ALA C 31 2.19 -1.87 -7.96
N LEU C 32 0.93 -1.60 -7.61
CA LEU C 32 0.58 -0.38 -6.88
C LEU C 32 1.26 -0.33 -5.51
N ARG C 33 1.28 -1.47 -4.82
CA ARG C 33 1.90 -1.55 -3.50
C ARG C 33 3.41 -1.28 -3.60
N LYS C 34 4.06 -1.88 -4.59
CA LYS C 34 5.48 -1.64 -4.80
C LYS C 34 5.75 -0.17 -5.12
N ALA C 35 4.90 0.42 -5.95
CA ALA C 35 5.04 1.83 -6.30
C ALA C 35 4.94 2.72 -5.06
N ALA C 36 3.97 2.41 -4.20
CA ALA C 36 3.80 3.12 -2.94
C ALA C 36 5.06 2.99 -2.07
N GLN C 37 5.57 1.77 -1.97
CA GLN C 37 6.79 1.48 -1.23
C GLN C 37 7.96 2.35 -1.69
N GLU C 38 8.23 2.29 -2.99
CA GLU C 38 9.33 3.04 -3.58
C GLU C 38 9.16 4.54 -3.39
N LYS C 39 7.92 5.01 -3.51
CA LYS C 39 7.63 6.43 -3.34
C LYS C 39 7.91 6.89 -1.91
N GLU C 40 7.49 6.08 -0.93
CA GLU C 40 7.75 6.36 0.47
C GLU C 40 9.26 6.41 0.73
N ALA C 41 9.97 5.41 0.22
CA ALA C 41 11.42 5.38 0.33
C ALA C 41 12.05 6.65 -0.23
N GLU C 42 11.56 7.07 -1.40
CA GLU C 42 12.02 8.31 -2.03
C GLU C 42 11.80 9.51 -1.11
N MET C 43 10.59 9.64 -0.58
CA MET C 43 10.25 10.74 0.33
C MET C 43 11.20 10.79 1.53
N LEU C 44 11.43 9.63 2.14
CA LEU C 44 12.34 9.53 3.26
C LEU C 44 13.75 9.96 2.87
N GLN C 45 14.15 9.60 1.65
CA GLN C 45 15.47 9.95 1.14
C GLN C 45 15.59 11.46 0.95
N VAL C 46 14.50 12.10 0.51
CA VAL C 46 14.49 13.55 0.34
C VAL C 46 14.58 14.23 1.71
N LEU C 47 13.92 13.64 2.71
CA LEU C 47 14.06 14.12 4.08
C LEU C 47 15.52 14.06 4.55
N GLU C 48 16.15 12.92 4.28
CA GLU C 48 17.56 12.75 4.62
C GLU C 48 18.43 13.77 3.89
N ASP C 49 18.01 14.14 2.68
CA ASP C 49 18.71 15.15 1.90
C ASP C 49 18.55 16.53 2.53
N ILE C 50 17.37 16.79 3.09
CA ILE C 50 17.10 18.07 3.80
C ILE C 50 18.02 18.11 5.02
N GLN C 51 18.13 17.00 5.73
CA GLN C 51 19.00 16.91 6.92
C GLN C 51 20.45 17.12 6.49
N THR C 52 20.84 16.56 5.35
CA THR C 52 22.23 16.68 4.86
C THR C 52 22.57 18.14 4.61
N ILE C 53 21.65 18.93 4.07
CA ILE C 53 21.92 20.35 3.81
C ILE C 53 20.61 21.12 3.67
N GLU D 7 -14.88 -31.58 -4.89
CA GLU D 7 -14.23 -31.21 -6.17
C GLU D 7 -14.08 -29.69 -6.20
N ILE D 8 -14.85 -29.03 -7.07
CA ILE D 8 -14.83 -27.56 -7.18
C ILE D 8 -15.29 -26.95 -5.86
N PHE D 9 -16.28 -27.55 -5.20
CA PHE D 9 -16.81 -26.99 -3.94
C PHE D 9 -15.70 -26.99 -2.88
N ASP D 10 -14.90 -28.06 -2.84
CA ASP D 10 -13.78 -28.13 -1.85
C ASP D 10 -12.79 -27.01 -2.14
N LYS D 11 -12.50 -26.77 -3.41
CA LYS D 11 -11.56 -25.68 -3.80
C LYS D 11 -12.16 -24.33 -3.41
N GLN D 12 -13.47 -24.18 -3.54
CA GLN D 12 -14.14 -22.92 -3.13
C GLN D 12 -13.91 -22.74 -1.63
N ARG D 13 -14.05 -23.79 -0.82
CA ARG D 13 -13.82 -23.67 0.63
C ARG D 13 -12.36 -23.30 0.92
N ARG D 14 -11.41 -23.90 0.22
CA ARG D 14 -9.99 -23.54 0.47
C ARG D 14 -9.78 -22.06 0.11
N LEU D 15 -10.32 -21.63 -1.02
CA LEU D 15 -10.19 -20.24 -1.44
C LEU D 15 -10.84 -19.30 -0.43
N GLN D 16 -11.92 -19.77 0.18
CA GLN D 16 -12.64 -19.01 1.20
C GLN D 16 -11.79 -18.84 2.45
N GLU D 17 -11.02 -19.88 2.76
CA GLU D 17 -10.10 -19.82 3.90
C GLU D 17 -9.05 -18.74 3.70
N LEU D 18 -8.41 -18.74 2.53
CA LEU D 18 -7.35 -17.80 2.23
C LEU D 18 -7.89 -16.39 1.94
N SER D 19 -9.13 -16.32 1.47
CA SER D 19 -9.75 -15.04 1.17
C SER D 19 -9.93 -14.20 2.42
N GLU D 20 -10.31 -14.85 3.52
CA GLU D 20 -10.48 -14.18 4.80
C GLU D 20 -9.13 -13.72 5.35
N LYS D 21 -8.08 -14.43 4.98
CA LYS D 21 -6.73 -14.06 5.40
C LYS D 21 -6.27 -12.82 4.64
N VAL D 22 -6.57 -12.78 3.35
CA VAL D 22 -6.23 -11.64 2.51
C VAL D 22 -7.02 -10.41 2.95
N ARG D 23 -8.30 -10.61 3.28
CA ARG D 23 -9.15 -9.54 3.76
C ARG D 23 -8.61 -8.92 5.04
N THR D 24 -8.22 -9.77 5.98
CA THR D 24 -7.67 -9.30 7.26
C THR D 24 -6.40 -8.50 7.04
N CYS D 25 -5.53 -9.00 6.17
CA CYS D 25 -4.30 -8.31 5.82
C CYS D 25 -4.61 -6.99 5.10
N HIS D 26 -5.68 -7.01 4.31
CA HIS D 26 -6.13 -5.81 3.60
C HIS D 26 -6.64 -4.74 4.55
N GLN D 27 -7.50 -5.15 5.48
CA GLN D 27 -8.07 -4.24 6.46
C GLN D 27 -6.99 -3.66 7.37
N GLU D 28 -5.99 -4.47 7.66
CA GLU D 28 -4.87 -4.03 8.48
C GLU D 28 -4.02 -2.98 7.75
N ALA D 29 -3.83 -3.18 6.45
CA ALA D 29 -3.04 -2.26 5.65
C ALA D 29 -3.79 -0.95 5.40
N SER D 30 -5.11 -1.06 5.23
CA SER D 30 -5.95 0.12 4.99
C SER D 30 -5.88 1.11 6.14
N ALA D 31 -5.92 0.59 7.36
CA ALA D 31 -5.86 1.44 8.55
C ALA D 31 -4.51 2.13 8.66
N LEU D 32 -3.45 1.41 8.31
CA LEU D 32 -2.10 1.96 8.37
C LEU D 32 -1.90 3.03 7.29
N ARG D 33 -2.55 2.85 6.16
CA ARG D 33 -2.47 3.82 5.06
C ARG D 33 -3.05 5.16 5.49
N LYS D 34 -4.19 5.13 6.18
CA LYS D 34 -4.81 6.34 6.68
C LYS D 34 -3.91 7.02 7.71
N ALA D 35 -3.35 6.23 8.61
CA ALA D 35 -2.47 6.75 9.65
C ALA D 35 -1.17 7.29 9.07
N ALA D 36 -0.67 6.64 8.03
CA ALA D 36 0.57 7.06 7.38
C ALA D 36 0.41 8.44 6.76
N GLN D 37 -0.73 8.66 6.12
CA GLN D 37 -1.02 9.94 5.48
C GLN D 37 -1.09 11.08 6.51
N GLU D 38 -1.74 10.81 7.63
CA GLU D 38 -1.88 11.82 8.69
C GLU D 38 -0.54 12.12 9.36
N LYS D 39 0.24 11.08 9.61
CA LYS D 39 1.55 11.25 10.24
C LYS D 39 2.49 12.03 9.34
N GLU D 40 2.42 11.77 8.04
CA GLU D 40 3.20 12.51 7.06
C GLU D 40 2.73 13.97 7.01
N ALA D 41 1.42 14.17 7.08
CA ALA D 41 0.84 15.52 7.03
C ALA D 41 1.30 16.36 8.22
N GLU D 42 1.35 15.74 9.39
CA GLU D 42 1.84 16.42 10.58
C GLU D 42 3.32 16.75 10.45
N MET D 43 4.08 15.79 9.95
CA MET D 43 5.51 15.99 9.70
C MET D 43 5.71 17.13 8.71
N LEU D 44 4.83 17.21 7.72
CA LEU D 44 4.86 18.29 6.73
C LEU D 44 4.42 19.61 7.33
N GLN D 45 3.36 19.55 8.15
CA GLN D 45 2.85 20.75 8.81
C GLN D 45 3.92 21.36 9.71
N VAL D 46 4.63 20.50 10.44
CA VAL D 46 5.75 20.95 11.23
C VAL D 46 6.83 21.52 10.33
N LEU D 47 7.08 20.83 9.21
CA LEU D 47 8.11 21.25 8.25
C LEU D 47 7.79 22.58 7.59
N GLU D 48 6.51 22.96 7.59
CA GLU D 48 6.11 24.22 6.98
C GLU D 48 6.19 25.37 7.99
N ASP D 49 5.84 25.08 9.24
CA ASP D 49 5.84 26.09 10.30
C ASP D 49 7.25 26.49 10.71
N ILE D 50 8.16 25.53 10.66
CA ILE D 50 9.59 25.76 11.05
C ILE D 50 10.25 26.80 10.13
N GLN D 51 9.81 26.90 8.88
CA GLN D 51 10.32 27.91 7.91
C GLN D 51 9.38 29.11 7.89
N THR D 52 8.51 29.21 8.90
CA THR D 52 7.55 30.34 9.06
C THR D 52 6.66 30.43 7.83
S SO4 E . -12.05 -0.86 1.60
O1 SO4 E . -11.08 -0.89 2.69
O2 SO4 E . -13.24 -0.18 2.09
O3 SO4 E . -11.50 -0.10 0.48
O4 SO4 E . -12.35 -2.24 1.21
S SO4 F . 12.79 0.42 0.90
O1 SO4 F . 14.10 0.49 1.56
O2 SO4 F . 11.79 1.07 1.76
O3 SO4 F . 12.84 1.09 -0.40
O4 SO4 F . 12.45 -0.99 0.64
#